data_6KJ3
# 
_entry.id   6KJ3 
# 
_audit_conform.dict_name       mmcif_pdbx.dic 
_audit_conform.dict_version    5.387 
_audit_conform.dict_location   http://mmcif.pdb.org/dictionaries/ascii/mmcif_pdbx.dic 
# 
loop_
_database_2.database_id 
_database_2.database_code 
_database_2.pdbx_database_accession 
_database_2.pdbx_DOI 
PDB   6KJ3         pdb_00006kj3 10.2210/pdb6kj3/pdb 
WWPDB D_1300013091 ?            ?                   
EMDB  EMD-0698     ?            ?                   
# 
loop_
_pdbx_audit_revision_history.ordinal 
_pdbx_audit_revision_history.data_content_type 
_pdbx_audit_revision_history.major_revision 
_pdbx_audit_revision_history.minor_revision 
_pdbx_audit_revision_history.revision_date 
1 'Structure model' 1 0 2019-10-02 
2 'Structure model' 1 1 2019-11-20 
3 'Structure model' 1 2 2024-03-27 
# 
_pdbx_audit_revision_details.ordinal             1 
_pdbx_audit_revision_details.revision_ordinal    1 
_pdbx_audit_revision_details.data_content_type   'Structure model' 
_pdbx_audit_revision_details.provider            repository 
_pdbx_audit_revision_details.type                'Initial release' 
_pdbx_audit_revision_details.description         ? 
_pdbx_audit_revision_details.details             ? 
# 
loop_
_pdbx_audit_revision_group.ordinal 
_pdbx_audit_revision_group.revision_ordinal 
_pdbx_audit_revision_group.data_content_type 
_pdbx_audit_revision_group.group 
1 2 'Structure model' 'Data processing'     
2 3 'Structure model' 'Data collection'     
3 3 'Structure model' 'Database references' 
# 
loop_
_pdbx_audit_revision_category.ordinal 
_pdbx_audit_revision_category.revision_ordinal 
_pdbx_audit_revision_category.data_content_type 
_pdbx_audit_revision_category.category 
1 2 'Structure model' em_3d_reconstruction 
2 3 'Structure model' chem_comp_atom       
3 3 'Structure model' chem_comp_bond       
4 3 'Structure model' database_2           
# 
loop_
_pdbx_audit_revision_item.ordinal 
_pdbx_audit_revision_item.revision_ordinal 
_pdbx_audit_revision_item.data_content_type 
_pdbx_audit_revision_item.item 
1 2 'Structure model' '_em_3d_reconstruction.resolution'    
2 3 'Structure model' '_database_2.pdbx_DOI'                
3 3 'Structure model' '_database_2.pdbx_database_accession' 
# 
_pdbx_database_status.status_code                     REL 
_pdbx_database_status.status_code_sf                  REL 
_pdbx_database_status.status_code_mr                  ? 
_pdbx_database_status.entry_id                        6KJ3 
_pdbx_database_status.recvd_initial_deposition_date   2019-07-20 
_pdbx_database_status.SG_entry                        N 
_pdbx_database_status.deposit_site                    PDBJ 
_pdbx_database_status.process_site                    PDBJ 
_pdbx_database_status.status_code_cs                  ? 
_pdbx_database_status.methods_development_category    ? 
_pdbx_database_status.pdb_format_compatible           Y 
_pdbx_database_status.status_code_nmr_data            ? 
# 
_pdbx_database_related.db_name        EMDB 
_pdbx_database_related.details        '120kV MicroED structure of FUS (37-42) SYSGYS solved from merged datasets at 0.60 A' 
_pdbx_database_related.db_id          EMD-0698 
_pdbx_database_related.content_type   'associated EM volume' 
# 
loop_
_audit_author.name 
_audit_author.pdbx_ordinal 
_audit_author.identifier_ORCID 
'Zhou, H.' 1 0000-0002-6267-1585 
'Luo, F.'  2 0000-0001-7105-6229 
'Luo, Z.'  3 0000-0003-0685-0754 
'Li, D.'   4 ?                   
'Liu, C.'  5 0000-0003-3425-6672 
'Li, X.'   6 0000-0002-8451-9947 
# 
_citation.abstract                  ? 
_citation.abstract_id_CAS           ? 
_citation.book_id_ISBN              ? 
_citation.book_publisher            ? 
_citation.book_publisher_city       ? 
_citation.book_title                ? 
_citation.coordinate_linkage        ? 
_citation.country                   US 
_citation.database_id_Medline       ? 
_citation.details                   ? 
_citation.id                        primary 
_citation.journal_abbrev            Anal.Chem. 
_citation.journal_id_ASTM           ? 
_citation.journal_id_CSD            ? 
_citation.journal_id_ISSN           1520-6882 
_citation.journal_full              ? 
_citation.journal_issue             ? 
_citation.journal_volume            91 
_citation.language                  ? 
_citation.page_first                10996 
_citation.page_last                 11003 
_citation.title                     
'Programming Conventional Electron Microscopes for Solving Ultrahigh-Resolution Structures of Small and Macro-Molecules.' 
_citation.year                      2019 
_citation.database_id_CSD           ? 
_citation.pdbx_database_id_DOI      10.1021/acs.analchem.9b01162 
_citation.pdbx_database_id_PubMed   31334636 
_citation.unpublished_flag          ? 
# 
loop_
_citation_author.citation_id 
_citation_author.name 
_citation_author.ordinal 
_citation_author.identifier_ORCID 
primary 'Zhou, H.' 1 ?                   
primary 'Luo, F.'  2 ?                   
primary 'Luo, Z.'  3 ?                   
primary 'Li, D.'   4 ?                   
primary 'Liu, C.'  5 ?                   
primary 'Li, X.'   6 0000-0002-8451-9947 
# 
loop_
_entity.id 
_entity.type 
_entity.src_method 
_entity.pdbx_description 
_entity.formula_weight 
_entity.pdbx_number_of_molecules 
_entity.pdbx_ec 
_entity.pdbx_mutation 
_entity.pdbx_fragment 
_entity.details 
1 polymer syn 'RNA-binding protein FUS' 662.648 1 ? ? ? ? 
2 water   nat water                     18.015  1 ? ? ? ? 
# 
_entity_name_com.entity_id   1 
_entity_name_com.name        'FUS LC RAC1' 
# 
_entity_poly.entity_id                      1 
_entity_poly.type                           'polypeptide(L)' 
_entity_poly.nstd_linkage                   no 
_entity_poly.nstd_monomer                   no 
_entity_poly.pdbx_seq_one_letter_code       SYSGYS 
_entity_poly.pdbx_seq_one_letter_code_can   SYSGYS 
_entity_poly.pdbx_strand_id                 A 
_entity_poly.pdbx_target_identifier         ? 
# 
_pdbx_entity_nonpoly.entity_id   2 
_pdbx_entity_nonpoly.name        water 
_pdbx_entity_nonpoly.comp_id     HOH 
# 
loop_
_entity_poly_seq.entity_id 
_entity_poly_seq.num 
_entity_poly_seq.mon_id 
_entity_poly_seq.hetero 
1 1 SER n 
1 2 TYR n 
1 3 SER n 
1 4 GLY n 
1 5 TYR n 
1 6 SER n 
# 
_pdbx_entity_src_syn.entity_id              1 
_pdbx_entity_src_syn.pdbx_src_id            1 
_pdbx_entity_src_syn.pdbx_alt_source_flag   sample 
_pdbx_entity_src_syn.pdbx_beg_seq_num       1 
_pdbx_entity_src_syn.pdbx_end_seq_num       6 
_pdbx_entity_src_syn.organism_scientific    'Homo sapiens' 
_pdbx_entity_src_syn.organism_common_name   Human 
_pdbx_entity_src_syn.ncbi_taxonomy_id       9606 
_pdbx_entity_src_syn.details                ? 
# 
loop_
_chem_comp.id 
_chem_comp.type 
_chem_comp.mon_nstd_flag 
_chem_comp.name 
_chem_comp.pdbx_synonyms 
_chem_comp.formula 
_chem_comp.formula_weight 
GLY 'peptide linking'   y GLYCINE  ? 'C2 H5 N O2'  75.067  
HOH non-polymer         . WATER    ? 'H2 O'        18.015  
SER 'L-peptide linking' y SERINE   ? 'C3 H7 N O3'  105.093 
TYR 'L-peptide linking' y TYROSINE ? 'C9 H11 N O3' 181.189 
# 
loop_
_pdbx_poly_seq_scheme.asym_id 
_pdbx_poly_seq_scheme.entity_id 
_pdbx_poly_seq_scheme.seq_id 
_pdbx_poly_seq_scheme.mon_id 
_pdbx_poly_seq_scheme.ndb_seq_num 
_pdbx_poly_seq_scheme.pdb_seq_num 
_pdbx_poly_seq_scheme.auth_seq_num 
_pdbx_poly_seq_scheme.pdb_mon_id 
_pdbx_poly_seq_scheme.auth_mon_id 
_pdbx_poly_seq_scheme.pdb_strand_id 
_pdbx_poly_seq_scheme.pdb_ins_code 
_pdbx_poly_seq_scheme.hetero 
A 1 1 SER 1 37 37 SER SER A . n 
A 1 2 TYR 2 38 38 TYR TYR A . n 
A 1 3 SER 3 39 39 SER SER A . n 
A 1 4 GLY 4 40 40 GLY GLY A . n 
A 1 5 TYR 5 41 41 TYR TYR A . n 
A 1 6 SER 6 42 42 SER SER A . n 
# 
_pdbx_nonpoly_scheme.asym_id         B 
_pdbx_nonpoly_scheme.entity_id       2 
_pdbx_nonpoly_scheme.mon_id          HOH 
_pdbx_nonpoly_scheme.ndb_seq_num     1 
_pdbx_nonpoly_scheme.pdb_seq_num     101 
_pdbx_nonpoly_scheme.auth_seq_num    101 
_pdbx_nonpoly_scheme.pdb_mon_id      HOH 
_pdbx_nonpoly_scheme.auth_mon_id     HOH 
_pdbx_nonpoly_scheme.pdb_strand_id   A 
_pdbx_nonpoly_scheme.pdb_ins_code    . 
# 
loop_
_software.citation_id 
_software.classification 
_software.compiler_name 
_software.compiler_version 
_software.contact_author 
_software.contact_author_email 
_software.date 
_software.description 
_software.dependencies 
_software.hardware 
_software.language 
_software.location 
_software.mods 
_software.name 
_software.os 
_software.os_version 
_software.type 
_software.version 
_software.pdbx_ordinal 
? refinement        ? ? 'Paul D. Adams' PDAdams@lbl.gov          ?              ? ? ? C++ ? ? REFMAC      ? ? package 5.8.0222 1 
? 'data extraction' ? ? PDB             deposit@deposit.rcsb.org 'Apr. 1, 2019' ? ? ? C++ 
http://sw-tools.pdb.org/apps/PDB_EXTRACT/ ? PDB_EXTRACT ? ? package 3.25     2 
# 
_cell.angle_alpha                  90.000 
_cell.angle_alpha_esd              ? 
_cell.angle_beta                   90.310 
_cell.angle_beta_esd               ? 
_cell.angle_gamma                  90.000 
_cell.angle_gamma_esd              ? 
_cell.entry_id                     6KJ3 
_cell.details                      ? 
_cell.formula_units_Z              ? 
_cell.length_a                     17.100 
_cell.length_a_esd                 ? 
_cell.length_b                     4.670 
_cell.length_b_esd                 ? 
_cell.length_c                     17.590 
_cell.length_c_esd                 ? 
_cell.volume                       ? 
_cell.volume_esd                   ? 
_cell.Z_PDB                        2 
_cell.reciprocal_angle_alpha       ? 
_cell.reciprocal_angle_beta        ? 
_cell.reciprocal_angle_gamma       ? 
_cell.reciprocal_angle_alpha_esd   ? 
_cell.reciprocal_angle_beta_esd    ? 
_cell.reciprocal_angle_gamma_esd   ? 
_cell.reciprocal_length_a          ? 
_cell.reciprocal_length_b          ? 
_cell.reciprocal_length_c          ? 
_cell.reciprocal_length_a_esd      ? 
_cell.reciprocal_length_b_esd      ? 
_cell.reciprocal_length_c_esd      ? 
_cell.pdbx_unique_axis             ? 
# 
_symmetry.entry_id                         6KJ3 
_symmetry.cell_setting                     ? 
_symmetry.Int_Tables_number                4 
_symmetry.space_group_name_Hall            ? 
_symmetry.space_group_name_H-M             'P 1 21 1' 
_symmetry.pdbx_full_space_group_name_H-M   ? 
# 
_exptl.absorpt_coefficient_mu     ? 
_exptl.absorpt_correction_T_max   ? 
_exptl.absorpt_correction_T_min   ? 
_exptl.absorpt_correction_type    ? 
_exptl.absorpt_process_details    ? 
_exptl.entry_id                   6KJ3 
_exptl.crystals_number            ? 
_exptl.details                    ? 
_exptl.method                     'ELECTRON CRYSTALLOGRAPHY' 
_exptl.method_details             ? 
# 
_refine.aniso_B[1][1]                            -0.0400 
_refine.aniso_B[1][2]                            -0.0000 
_refine.aniso_B[1][3]                            -0.0500 
_refine.aniso_B[2][2]                            -0.0300 
_refine.aniso_B[2][3]                            0.0000 
_refine.aniso_B[3][3]                            0.0800 
_refine.B_iso_max                                1.880 
_refine.B_iso_mean                               0.7990 
_refine.B_iso_min                                0.500 
_refine.correlation_coeff_Fo_to_Fc               0.9020 
_refine.correlation_coeff_Fo_to_Fc_free          0.8390 
_refine.details                                  
'HYDROGENS HAVE BEEN USED IF PRESENT IN THE INPUT U VALUES      : REFINED INDIVIDUALLY' 
_refine.diff_density_max                         ? 
_refine.diff_density_max_esd                     ? 
_refine.diff_density_min                         ? 
_refine.diff_density_min_esd                     ? 
_refine.diff_density_rms                         ? 
_refine.diff_density_rms_esd                     ? 
_refine.entry_id                                 6KJ3 
_refine.pdbx_refine_id                           'ELECTRON CRYSTALLOGRAPHY' 
_refine.ls_abs_structure_details                 ? 
_refine.ls_abs_structure_Flack                   ? 
_refine.ls_abs_structure_Flack_esd               ? 
_refine.ls_abs_structure_Rogers                  ? 
_refine.ls_abs_structure_Rogers_esd              ? 
_refine.ls_d_res_high                            0.6000 
_refine.ls_d_res_low                             8.5500 
_refine.ls_extinction_coef                       ? 
_refine.ls_extinction_coef_esd                   ? 
_refine.ls_extinction_expression                 ? 
_refine.ls_extinction_method                     ? 
_refine.ls_goodness_of_fit_all                   ? 
_refine.ls_goodness_of_fit_all_esd               ? 
_refine.ls_goodness_of_fit_obs                   ? 
_refine.ls_goodness_of_fit_obs_esd               ? 
_refine.ls_hydrogen_treatment                    ? 
_refine.ls_matrix_type                           ? 
_refine.ls_number_constraints                    ? 
_refine.ls_number_parameters                     ? 
_refine.ls_number_reflns_all                     ? 
_refine.ls_number_reflns_obs                     5523 
_refine.ls_number_reflns_R_free                  326 
_refine.ls_number_reflns_R_work                  ? 
_refine.ls_number_restraints                     ? 
_refine.ls_percent_reflns_obs                    78.3500 
_refine.ls_percent_reflns_R_free                 5.6000 
_refine.ls_R_factor_all                          ? 
_refine.ls_R_factor_obs                          0.3082 
_refine.ls_R_factor_R_free                       0.3255 
_refine.ls_R_factor_R_free_error                 ? 
_refine.ls_R_factor_R_free_error_details         ? 
_refine.ls_R_factor_R_work                       0.3072 
_refine.ls_R_Fsqd_factor_obs                     ? 
_refine.ls_R_I_factor_obs                        ? 
_refine.ls_redundancy_reflns_all                 ? 
_refine.ls_redundancy_reflns_obs                 ? 
_refine.ls_restrained_S_all                      ? 
_refine.ls_restrained_S_obs                      ? 
_refine.ls_shift_over_esd_max                    ? 
_refine.ls_shift_over_esd_mean                   ? 
_refine.ls_structure_factor_coef                 ? 
_refine.ls_weighting_details                     ? 
_refine.ls_weighting_scheme                      ? 
_refine.ls_wR_factor_all                         ? 
_refine.ls_wR_factor_obs                         ? 
_refine.ls_wR_factor_R_free                      ? 
_refine.ls_wR_factor_R_work                      ? 
_refine.occupancy_max                            ? 
_refine.occupancy_min                            ? 
_refine.solvent_model_details                    ? 
_refine.solvent_model_param_bsol                 ? 
_refine.solvent_model_param_ksol                 ? 
_refine.ls_R_factor_gt                           ? 
_refine.ls_goodness_of_fit_gt                    ? 
_refine.ls_goodness_of_fit_ref                   ? 
_refine.ls_shift_over_su_max                     ? 
_refine.ls_shift_over_su_max_lt                  ? 
_refine.ls_shift_over_su_mean                    ? 
_refine.ls_shift_over_su_mean_lt                 ? 
_refine.pdbx_ls_sigma_I                          ? 
_refine.pdbx_ls_sigma_F                          0.00 
_refine.pdbx_ls_sigma_Fsqd                       ? 
_refine.pdbx_data_cutoff_high_absF               ? 
_refine.pdbx_data_cutoff_high_rms_absF           ? 
_refine.pdbx_data_cutoff_low_absF                ? 
_refine.pdbx_isotropic_thermal_model             ? 
_refine.pdbx_ls_cross_valid_method               THROUGHOUT 
_refine.pdbx_method_to_determine_struct          ? 
_refine.pdbx_starting_model                      ? 
_refine.pdbx_stereochemistry_target_values       ? 
_refine.pdbx_R_Free_selection_details            RANDOM 
_refine.pdbx_stereochem_target_val_spec_case     ? 
_refine.pdbx_overall_ESU_R                       0.0200 
_refine.pdbx_overall_ESU_R_Free                  0.0200 
_refine.pdbx_solvent_vdw_probe_radii             1.2000 
_refine.pdbx_solvent_ion_probe_radii             0.8000 
_refine.pdbx_solvent_shrinkage_radii             0.8000 
_refine.pdbx_real_space_R                        ? 
_refine.pdbx_density_correlation                 ? 
_refine.pdbx_pd_number_of_powder_patterns        ? 
_refine.pdbx_pd_number_of_points                 ? 
_refine.pdbx_pd_meas_number_of_points            ? 
_refine.pdbx_pd_proc_ls_prof_R_factor            ? 
_refine.pdbx_pd_proc_ls_prof_wR_factor           ? 
_refine.pdbx_pd_Marquardt_correlation_coeff      ? 
_refine.pdbx_pd_Fsqrd_R_factor                   ? 
_refine.pdbx_pd_ls_matrix_band_width             ? 
_refine.pdbx_overall_phase_error                 ? 
_refine.pdbx_overall_SU_R_free_Cruickshank_DPI   ? 
_refine.pdbx_overall_SU_R_free_Blow_DPI          ? 
_refine.pdbx_overall_SU_R_Blow_DPI               ? 
_refine.pdbx_TLS_residual_ADP_flag               ? 
_refine.pdbx_diffrn_id                           1 
_refine.overall_SU_B                             0.5890 
_refine.overall_SU_ML                            0.0230 
_refine.overall_SU_R_Cruickshank_DPI             ? 
_refine.overall_SU_R_free                        ? 
_refine.overall_FOM_free_R_set                   ? 
_refine.overall_FOM_work_R_set                   ? 
_refine.pdbx_average_fsc_overall                 ? 
_refine.pdbx_average_fsc_work                    ? 
_refine.pdbx_average_fsc_free                    ? 
# 
_refine_hist.pdbx_refine_id                   'ELECTRON CRYSTALLOGRAPHY' 
_refine_hist.cycle_id                         final 
_refine_hist.details                          ? 
_refine_hist.d_res_high                       0.6000 
_refine_hist.d_res_low                        8.5500 
_refine_hist.number_atoms_solvent             3 
_refine_hist.number_atoms_total               50 
_refine_hist.number_reflns_all                ? 
_refine_hist.number_reflns_obs                ? 
_refine_hist.number_reflns_R_free             ? 
_refine_hist.number_reflns_R_work             ? 
_refine_hist.R_factor_all                     ? 
_refine_hist.R_factor_obs                     ? 
_refine_hist.R_factor_R_free                  ? 
_refine_hist.R_factor_R_work                  ? 
_refine_hist.pdbx_number_residues_total       6 
_refine_hist.pdbx_B_iso_mean_ligand           ? 
_refine_hist.pdbx_B_iso_mean_solvent          1.71 
_refine_hist.pdbx_number_atoms_protein        47 
_refine_hist.pdbx_number_atoms_nucleic_acid   0 
_refine_hist.pdbx_number_atoms_ligand         0 
_refine_hist.pdbx_number_atoms_lipid          ? 
_refine_hist.pdbx_number_atoms_carb           ? 
_refine_hist.pdbx_pseudo_atom_details         ? 
# 
_refine_ls_shell.pdbx_refine_id                   'ELECTRON CRYSTALLOGRAPHY' 
_refine_ls_shell.d_res_high                       0.6000 
_refine_ls_shell.d_res_low                        0.6160 
_refine_ls_shell.number_reflns_all                354 
_refine_ls_shell.number_reflns_obs                ? 
_refine_ls_shell.number_reflns_R_free             14 
_refine_ls_shell.number_reflns_R_work             340 
_refine_ls_shell.percent_reflns_obs               67.0500 
_refine_ls_shell.percent_reflns_R_free            ? 
_refine_ls_shell.R_factor_all                     ? 
_refine_ls_shell.R_factor_obs                     ? 
_refine_ls_shell.R_factor_R_free                  0.5440 
_refine_ls_shell.R_factor_R_free_error            0.0000 
_refine_ls_shell.R_factor_R_work                  0.4190 
_refine_ls_shell.redundancy_reflns_all            ? 
_refine_ls_shell.redundancy_reflns_obs            ? 
_refine_ls_shell.wR_factor_all                    ? 
_refine_ls_shell.wR_factor_obs                    ? 
_refine_ls_shell.wR_factor_R_free                 ? 
_refine_ls_shell.wR_factor_R_work                 ? 
_refine_ls_shell.pdbx_total_number_of_bins_used   20 
_refine_ls_shell.pdbx_phase_error                 ? 
_refine_ls_shell.pdbx_fsc_work                    ? 
_refine_ls_shell.pdbx_fsc_free                    ? 
# 
_struct.entry_id                     6KJ3 
_struct.title                        '120kV MicroED structure of FUS (37-42) SYSGYS solved from merged datasets at 0.60 A' 
_struct.pdbx_model_details           ? 
_struct.pdbx_formula_weight          ? 
_struct.pdbx_formula_weight_method   ? 
_struct.pdbx_model_type_details      ? 
_struct.pdbx_CASP_flag               N 
# 
_struct_keywords.entry_id        6KJ3 
_struct_keywords.text            'FUS, MicroED, Ultrahigh resolution, RNA BINDING PROTEIN' 
_struct_keywords.pdbx_keywords   'RNA BINDING PROTEIN' 
# 
loop_
_struct_asym.id 
_struct_asym.pdbx_blank_PDB_chainid_flag 
_struct_asym.pdbx_modified 
_struct_asym.entity_id 
_struct_asym.details 
A N N 1 ? 
B N N 2 ? 
# 
_struct_ref.id                         1 
_struct_ref.db_name                    UNP 
_struct_ref.db_code                    FUS_HUMAN 
_struct_ref.pdbx_db_accession          P35637 
_struct_ref.pdbx_db_isoform            ? 
_struct_ref.entity_id                  1 
_struct_ref.pdbx_seq_one_letter_code   SYSGYS 
_struct_ref.pdbx_align_begin           37 
# 
_struct_ref_seq.align_id                      1 
_struct_ref_seq.ref_id                        1 
_struct_ref_seq.pdbx_PDB_id_code              6KJ3 
_struct_ref_seq.pdbx_strand_id                A 
_struct_ref_seq.seq_align_beg                 1 
_struct_ref_seq.pdbx_seq_align_beg_ins_code   ? 
_struct_ref_seq.seq_align_end                 6 
_struct_ref_seq.pdbx_seq_align_end_ins_code   ? 
_struct_ref_seq.pdbx_db_accession             P35637 
_struct_ref_seq.db_align_beg                  37 
_struct_ref_seq.pdbx_db_align_beg_ins_code    ? 
_struct_ref_seq.db_align_end                  42 
_struct_ref_seq.pdbx_db_align_end_ins_code    ? 
_struct_ref_seq.pdbx_auth_seq_align_beg       37 
_struct_ref_seq.pdbx_auth_seq_align_end       42 
# 
_pdbx_struct_assembly.id                   1 
_pdbx_struct_assembly.details              author_defined_assembly 
_pdbx_struct_assembly.method_details       ? 
_pdbx_struct_assembly.oligomeric_details   monomeric 
_pdbx_struct_assembly.oligomeric_count     1 
# 
loop_
_pdbx_struct_assembly_prop.biol_id 
_pdbx_struct_assembly_prop.type 
_pdbx_struct_assembly_prop.value 
_pdbx_struct_assembly_prop.details 
1 'ABSA (A^2)' 0   ? 
1 MORE         0   ? 
1 'SSA (A^2)'  830 ? 
# 
_pdbx_struct_assembly_gen.assembly_id       1 
_pdbx_struct_assembly_gen.oper_expression   1 
_pdbx_struct_assembly_gen.asym_id_list      A,B 
# 
_pdbx_struct_assembly_auth_evidence.id                     1 
_pdbx_struct_assembly_auth_evidence.assembly_id            1 
_pdbx_struct_assembly_auth_evidence.experimental_support   microscopy 
_pdbx_struct_assembly_auth_evidence.details                ? 
# 
_pdbx_struct_oper_list.id                   1 
_pdbx_struct_oper_list.type                 'identity operation' 
_pdbx_struct_oper_list.name                 1_555 
_pdbx_struct_oper_list.symmetry_operation   x,y,z 
_pdbx_struct_oper_list.matrix[1][1]         1.0000000000 
_pdbx_struct_oper_list.matrix[1][2]         0.0000000000 
_pdbx_struct_oper_list.matrix[1][3]         0.0000000000 
_pdbx_struct_oper_list.vector[1]            0.0000000000 
_pdbx_struct_oper_list.matrix[2][1]         0.0000000000 
_pdbx_struct_oper_list.matrix[2][2]         1.0000000000 
_pdbx_struct_oper_list.matrix[2][3]         0.0000000000 
_pdbx_struct_oper_list.vector[2]            0.0000000000 
_pdbx_struct_oper_list.matrix[3][1]         0.0000000000 
_pdbx_struct_oper_list.matrix[3][2]         0.0000000000 
_pdbx_struct_oper_list.matrix[3][3]         1.0000000000 
_pdbx_struct_oper_list.vector[3]            0.0000000000 
# 
_pdbx_validate_symm_contact.id                1 
_pdbx_validate_symm_contact.PDB_model_num     1 
_pdbx_validate_symm_contact.auth_atom_id_1    HG 
_pdbx_validate_symm_contact.auth_asym_id_1    A 
_pdbx_validate_symm_contact.auth_comp_id_1    SER 
_pdbx_validate_symm_contact.auth_seq_id_1     37 
_pdbx_validate_symm_contact.PDB_ins_code_1    ? 
_pdbx_validate_symm_contact.label_alt_id_1    ? 
_pdbx_validate_symm_contact.site_symmetry_1   1_555 
_pdbx_validate_symm_contact.auth_atom_id_2    OXT 
_pdbx_validate_symm_contact.auth_asym_id_2    A 
_pdbx_validate_symm_contact.auth_comp_id_2    SER 
_pdbx_validate_symm_contact.auth_seq_id_2     42 
_pdbx_validate_symm_contact.PDB_ins_code_2    ? 
_pdbx_validate_symm_contact.label_alt_id_2    ? 
_pdbx_validate_symm_contact.site_symmetry_2   1_556 
_pdbx_validate_symm_contact.dist              1.48 
# 
_em_3d_fitting.entry_id          6KJ3 
_em_3d_fitting.id                1 
_em_3d_fitting.details           ? 
_em_3d_fitting.overall_b_value   ? 
_em_3d_fitting.ref_protocol      'AB INITIO MODEL' 
_em_3d_fitting.ref_space         RECIPROCAL 
_em_3d_fitting.target_criteria   ? 
_em_3d_fitting.method            ? 
# 
_em_3d_reconstruction.entry_id                    6KJ3 
_em_3d_reconstruction.id                          1 
_em_3d_reconstruction.algorithm                   ? 
_em_3d_reconstruction.details                     ? 
_em_3d_reconstruction.refinement_type             ? 
_em_3d_reconstruction.image_processing_id         1 
_em_3d_reconstruction.num_class_averages          ? 
_em_3d_reconstruction.num_particles               ? 
_em_3d_reconstruction.resolution                  0.60 
_em_3d_reconstruction.resolution_method           'DIFFRACTION PATTERN/LAYERLINES' 
_em_3d_reconstruction.symmetry_type               '3D CRYSTAL' 
_em_3d_reconstruction.method                      ? 
_em_3d_reconstruction.nominal_pixel_size          ? 
_em_3d_reconstruction.actual_pixel_size           ? 
_em_3d_reconstruction.magnification_calibration   ? 
# 
_em_buffer.id            1 
_em_buffer.details       ? 
_em_buffer.pH            7.0 
_em_buffer.specimen_id   1 
_em_buffer.name          ? 
# 
_em_entity_assembly.id                   1 
_em_entity_assembly.parent_id            0 
_em_entity_assembly.details              ? 
_em_entity_assembly.name                 'FUS LC RAC1' 
_em_entity_assembly.source               'MULTIPLE SOURCES' 
_em_entity_assembly.type                 COMPLEX 
_em_entity_assembly.entity_id_list       1 
_em_entity_assembly.synonym              ? 
_em_entity_assembly.oligomeric_details   ? 
# 
_em_imaging.id                              1 
_em_imaging.entry_id                        6KJ3 
_em_imaging.accelerating_voltage            120 
_em_imaging.alignment_procedure             ? 
_em_imaging.c2_aperture_diameter            ? 
_em_imaging.calibrated_defocus_max          ? 
_em_imaging.calibrated_defocus_min          ? 
_em_imaging.calibrated_magnification        ? 
_em_imaging.cryogen                         ? 
_em_imaging.details                         ? 
_em_imaging.electron_source                 LAB6 
_em_imaging.illumination_mode               'FLOOD BEAM' 
_em_imaging.microscope_model                'FEI TECNAI 12' 
_em_imaging.mode                            DIFFRACTION 
_em_imaging.nominal_cs                      ? 
_em_imaging.nominal_defocus_max             ? 
_em_imaging.nominal_defocus_min             ? 
_em_imaging.nominal_magnification           ? 
_em_imaging.recording_temperature_maximum   ? 
_em_imaging.recording_temperature_minimum   ? 
_em_imaging.residual_tilt                   ? 
_em_imaging.specimen_holder_model           ? 
_em_imaging.specimen_id                     1 
_em_imaging.citation_id                     ? 
_em_imaging.date                            2018-03-22 
_em_imaging.temperature                     ? 
_em_imaging.tilt_angle_min                  ? 
_em_imaging.tilt_angle_max                  ? 
_em_imaging.astigmatism                     ? 
_em_imaging.detector_distance               ? 
_em_imaging.electron_beam_tilt_params       ? 
_em_imaging.specimen_holder_type            ? 
# 
_em_vitrification.id                    1 
_em_vitrification.specimen_id           1 
_em_vitrification.chamber_temperature   ? 
_em_vitrification.cryogen_name          ETHANE 
_em_vitrification.details               ? 
_em_vitrification.humidity              ? 
_em_vitrification.instrument            ? 
_em_vitrification.entry_id              6KJ3 
_em_vitrification.citation_id           ? 
_em_vitrification.method                ? 
_em_vitrification.temp                  ? 
_em_vitrification.time_resolved_state   ? 
# 
_em_experiment.entry_id                6KJ3 
_em_experiment.id                      1 
_em_experiment.aggregation_state       '3D ARRAY' 
_em_experiment.reconstruction_method   CRYSTALLOGRAPHY 
_em_experiment.entity_assembly_id      1 
# 
loop_
_chem_comp_atom.comp_id 
_chem_comp_atom.atom_id 
_chem_comp_atom.type_symbol 
_chem_comp_atom.pdbx_aromatic_flag 
_chem_comp_atom.pdbx_stereo_config 
_chem_comp_atom.pdbx_ordinal 
GLY N   N N N 1  
GLY CA  C N N 2  
GLY C   C N N 3  
GLY O   O N N 4  
GLY OXT O N N 5  
GLY H   H N N 6  
GLY H2  H N N 7  
GLY HA2 H N N 8  
GLY HA3 H N N 9  
GLY HXT H N N 10 
HOH O   O N N 11 
HOH H1  H N N 12 
HOH H2  H N N 13 
SER N   N N N 14 
SER CA  C N S 15 
SER C   C N N 16 
SER O   O N N 17 
SER CB  C N N 18 
SER OG  O N N 19 
SER OXT O N N 20 
SER H   H N N 21 
SER H2  H N N 22 
SER HA  H N N 23 
SER HB2 H N N 24 
SER HB3 H N N 25 
SER HG  H N N 26 
SER HXT H N N 27 
TYR N   N N N 28 
TYR CA  C N S 29 
TYR C   C N N 30 
TYR O   O N N 31 
TYR CB  C N N 32 
TYR CG  C Y N 33 
TYR CD1 C Y N 34 
TYR CD2 C Y N 35 
TYR CE1 C Y N 36 
TYR CE2 C Y N 37 
TYR CZ  C Y N 38 
TYR OH  O N N 39 
TYR OXT O N N 40 
TYR H   H N N 41 
TYR H2  H N N 42 
TYR HA  H N N 43 
TYR HB2 H N N 44 
TYR HB3 H N N 45 
TYR HD1 H N N 46 
TYR HD2 H N N 47 
TYR HE1 H N N 48 
TYR HE2 H N N 49 
TYR HH  H N N 50 
TYR HXT H N N 51 
# 
loop_
_chem_comp_bond.comp_id 
_chem_comp_bond.atom_id_1 
_chem_comp_bond.atom_id_2 
_chem_comp_bond.value_order 
_chem_comp_bond.pdbx_aromatic_flag 
_chem_comp_bond.pdbx_stereo_config 
_chem_comp_bond.pdbx_ordinal 
GLY N   CA  sing N N 1  
GLY N   H   sing N N 2  
GLY N   H2  sing N N 3  
GLY CA  C   sing N N 4  
GLY CA  HA2 sing N N 5  
GLY CA  HA3 sing N N 6  
GLY C   O   doub N N 7  
GLY C   OXT sing N N 8  
GLY OXT HXT sing N N 9  
HOH O   H1  sing N N 10 
HOH O   H2  sing N N 11 
SER N   CA  sing N N 12 
SER N   H   sing N N 13 
SER N   H2  sing N N 14 
SER CA  C   sing N N 15 
SER CA  CB  sing N N 16 
SER CA  HA  sing N N 17 
SER C   O   doub N N 18 
SER C   OXT sing N N 19 
SER CB  OG  sing N N 20 
SER CB  HB2 sing N N 21 
SER CB  HB3 sing N N 22 
SER OG  HG  sing N N 23 
SER OXT HXT sing N N 24 
TYR N   CA  sing N N 25 
TYR N   H   sing N N 26 
TYR N   H2  sing N N 27 
TYR CA  C   sing N N 28 
TYR CA  CB  sing N N 29 
TYR CA  HA  sing N N 30 
TYR C   O   doub N N 31 
TYR C   OXT sing N N 32 
TYR CB  CG  sing N N 33 
TYR CB  HB2 sing N N 34 
TYR CB  HB3 sing N N 35 
TYR CG  CD1 doub Y N 36 
TYR CG  CD2 sing Y N 37 
TYR CD1 CE1 sing Y N 38 
TYR CD1 HD1 sing N N 39 
TYR CD2 CE2 doub Y N 40 
TYR CD2 HD2 sing N N 41 
TYR CE1 CZ  doub Y N 42 
TYR CE1 HE1 sing N N 43 
TYR CE2 CZ  sing Y N 44 
TYR CE2 HE2 sing N N 45 
TYR CZ  OH  sing N N 46 
TYR OH  HH  sing N N 47 
TYR OXT HXT sing N N 48 
# 
_em_3d_crystal_entity.id                    1 
_em_3d_crystal_entity.image_processing_id   1 
_em_3d_crystal_entity.angle_alpha           90.00 
_em_3d_crystal_entity.angle_beta            90.31 
_em_3d_crystal_entity.angle_gamma           90.00 
_em_3d_crystal_entity.length_a              17.10 
_em_3d_crystal_entity.length_b              4.67 
_em_3d_crystal_entity.length_c              17.59 
_em_3d_crystal_entity.space_group_name      'P 1 21 1' 
_em_3d_crystal_entity.space_group_num       4 
# 
_em_ctf_correction.id                       1 
_em_ctf_correction.em_image_processing_id   1 
_em_ctf_correction.type                     NONE 
_em_ctf_correction.details                  ? 
# 
_em_diffraction.id                1 
_em_diffraction.camera_length     500 
_em_diffraction.imaging_id        1 
_em_diffraction.tilt_angle_list   ? 
# 
_em_diffraction_shell.id                        1 
_em_diffraction_shell.em_diffraction_stats_id   1 
_em_diffraction_shell.fourier_space_coverage    66.76 
_em_diffraction_shell.high_resolution           0.60 
_em_diffraction_shell.low_resolution            0.62 
_em_diffraction_shell.multiplicity              3.94 
_em_diffraction_shell.num_structure_factors     474 
_em_diffraction_shell.phase_residual            1 
# 
_em_diffraction_stats.id                               1 
_em_diffraction_stats.details                          ? 
_em_diffraction_stats.image_processing_id              1 
_em_diffraction_stats.fourier_space_coverage           78.41 
_em_diffraction_stats.high_resolution                  0.60 
_em_diffraction_stats.num_intensities_measured         46057 
_em_diffraction_stats.num_structure_factors            5850 
_em_diffraction_stats.overall_phase_error              44.58 
_em_diffraction_stats.overall_phase_residual           1 
_em_diffraction_stats.phase_error_rejection_criteria   60 
_em_diffraction_stats.r_merge                          0.278 
_em_diffraction_stats.r_sym                            0.278 
# 
_em_entity_assembly_molwt.entity_assembly_id   1 
_em_entity_assembly_molwt.id                   1 
_em_entity_assembly_molwt.experimental_flag    NO 
_em_entity_assembly_molwt.units                ? 
_em_entity_assembly_molwt.value                ? 
# 
_em_image_processing.id                   1 
_em_image_processing.image_recording_id   1 
_em_image_processing.details              ? 
# 
_em_image_recording.id                            1 
_em_image_recording.imaging_id                    1 
_em_image_recording.avg_electron_dose_per_image   0.05 
_em_image_recording.average_exposure_time         ? 
_em_image_recording.details                       ? 
_em_image_recording.detector_mode                 ? 
_em_image_recording.film_or_detector_model        'FEI EAGLE (4k x 4k)' 
_em_image_recording.num_diffraction_images        ? 
_em_image_recording.num_grids_imaged              ? 
_em_image_recording.num_real_images               ? 
# 
loop_
_em_software.id 
_em_software.category 
_em_software.details 
_em_software.name 
_em_software.version 
_em_software.image_processing_id 
_em_software.fitting_id 
_em_software.imaging_id 
1  'IMAGE ACQUISITION'             ? ? ? ? ? 1 
2  MASKING                         ? ? ? ? ? ? 
3  'CTF CORRECTION'                ? ? ? 1 ? ? 
4  'LAYERLINE INDEXING'            ? ? ? ? ? ? 
5  'DIFFRACTION INDEXING'          ? ? ? ? ? ? 
6  'MODEL FITTING'                 ? ? ? ? 1 ? 
7  OTHER                           ? ? ? ? ? ? 
8  'MODEL REFINEMENT'              ? ? ? ? 1 ? 
9  'MOLECULAR REPLACEMENT'         ? ? ? 1 ? ? 
10 'LATTICE DISTORTION CORRECTION' ? ? ? 1 ? ? 
11 'SYMMETRY DETERMINATION'        ? ? ? 1 ? ? 
12 'CRYSTALLOGRAPHY MERGING'       ? ? ? 1 ? ? 
13 RECONSTRUCTION                  ? ? ? 1 ? ? 
# 
_em_specimen.id                      1 
_em_specimen.experiment_id           1 
_em_specimen.concentration           ? 
_em_specimen.details                 ? 
_em_specimen.embedding_applied       NO 
_em_specimen.shadowing_applied       NO 
_em_specimen.staining_applied        NO 
_em_specimen.vitrification_applied   YES 
# 
loop_
_pdbx_audit_support.funding_organization 
_pdbx_audit_support.country 
_pdbx_audit_support.grant_number 
_pdbx_audit_support.ordinal 
'Ministry of Science and Technology (China)'   China 2016YFA0501902 1 
'Ministry of Science and Technology (China)'   China 2016YFA0501102 2 
'National Natural Science Foundation of China' China 31570730       3 
'National Natural Science Foundation of China' China 91853113       4 
# 
loop_
_pdbx_reflns_twin.domain_id 
_pdbx_reflns_twin.crystal_id 
_pdbx_reflns_twin.diffrn_id 
_pdbx_reflns_twin.type 
_pdbx_reflns_twin.operator 
_pdbx_reflns_twin.fraction 
1 1 1 ? H,K,L   0.6433 
2 1 1 ? h,-k,-l 0.1357 
3 1 1 ? L,-K,H  0.1131 
4 1 1 ? -L,K,H  0.1079 
# 
_atom_sites.entry_id                    6KJ3 
_atom_sites.Cartn_transf_matrix[1][1]   ? 
_atom_sites.Cartn_transf_matrix[1][2]   ? 
_atom_sites.Cartn_transf_matrix[1][3]   ? 
_atom_sites.Cartn_transf_matrix[2][1]   ? 
_atom_sites.Cartn_transf_matrix[2][2]   ? 
_atom_sites.Cartn_transf_matrix[2][3]   ? 
_atom_sites.Cartn_transf_matrix[3][1]   ? 
_atom_sites.Cartn_transf_matrix[3][2]   ? 
_atom_sites.Cartn_transf_matrix[3][3]   ? 
_atom_sites.Cartn_transf_vector[1]      ? 
_atom_sites.Cartn_transf_vector[2]      ? 
_atom_sites.Cartn_transf_vector[3]      ? 
_atom_sites.fract_transf_matrix[1][1]   0.02217032 
_atom_sites.fract_transf_matrix[1][2]   -0.03378600 
_atom_sites.fract_transf_matrix[1][3]   -0.04227282 
_atom_sites.fract_transf_matrix[2][1]   0.19583007 
_atom_sites.fract_transf_matrix[2][2]   0.07560441 
_atom_sites.fract_transf_matrix[2][3]   0.04227880 
_atom_sites.fract_transf_matrix[3][1]   0.00813978 
_atom_sites.fract_transf_matrix[3][2]   -0.04201269 
_atom_sites.fract_transf_matrix[3][3]   0.03742612 
_atom_sites.fract_transf_vector[1]      0.243304 
_atom_sites.fract_transf_vector[2]      0.905997 
_atom_sites.fract_transf_vector[3]      0.511185 
_atom_sites.solution_primary            ? 
_atom_sites.solution_secondary          ? 
_atom_sites.solution_hydrogens          ? 
_atom_sites.special_details             ? 
# 
loop_
_atom_type.symbol 
C 
H 
N 
O 
# 
loop_
_atom_site.group_PDB 
_atom_site.id 
_atom_site.type_symbol 
_atom_site.label_atom_id 
_atom_site.label_alt_id 
_atom_site.label_comp_id 
_atom_site.label_asym_id 
_atom_site.label_entity_id 
_atom_site.label_seq_id 
_atom_site.pdbx_PDB_ins_code 
_atom_site.Cartn_x 
_atom_site.Cartn_y 
_atom_site.Cartn_z 
_atom_site.occupancy 
_atom_site.B_iso_or_equiv 
_atom_site.pdbx_formal_charge 
_atom_site.auth_seq_id 
_atom_site.auth_comp_id 
_atom_site.auth_asym_id 
_atom_site.auth_atom_id 
_atom_site.pdbx_PDB_model_num 
ATOM   1  N N   . SER A 1 1 ? 2.842  -7.349 2.558  1.00 0.53 ? 37  SER A N   1 
ATOM   2  C CA  . SER A 1 1 ? 1.591  -6.663 2.112  1.00 0.53 ? 37  SER A CA  1 
ATOM   3  C C   . SER A 1 1 ? 1.990  -5.263 1.703  1.00 0.63 ? 37  SER A C   1 
ATOM   4  O O   . SER A 1 1 ? 3.092  -4.817 1.929  1.00 0.97 ? 37  SER A O   1 
ATOM   5  C CB  . SER A 1 1 ? 0.708  -6.634 3.260  1.00 0.50 ? 37  SER A CB  1 
ATOM   6  O OG  . SER A 1 1 ? 0.090  -7.875 3.479  1.00 0.50 ? 37  SER A OG  1 
ATOM   7  H H1  . SER A 1 1 ? 2.614  -8.259 2.938  1.00 0.51 ? 37  SER A H1  1 
ATOM   8  H H2  . SER A 1 1 ? 3.292  -6.830 3.228  1.00 0.52 ? 37  SER A H2  1 
ATOM   9  H H3  . SER A 1 1 ? 3.425  -7.463 1.804  1.00 0.52 ? 37  SER A H3  1 
ATOM   10 H HA  . SER A 1 1 ? 1.177  -7.152 1.351  1.00 0.54 ? 37  SER A HA  1 
ATOM   11 H HB2 . SER A 1 1 ? 1.220  -6.379 4.061  1.00 0.50 ? 37  SER A HB2 1 
ATOM   12 H HB3 . SER A 1 1 ? 0.012  -5.954 3.118  1.00 0.50 ? 37  SER A HB3 1 
ATOM   13 H HG  . SER A 1 1 ? 0.518  -8.293 4.078  1.00 0.50 ? 37  SER A HG  1 
ATOM   14 N N   . TYR A 1 2 ? 1.038  -4.588 1.175  1.00 0.65 ? 38  TYR A N   1 
ATOM   15 C CA  . TYR A 1 2 ? 1.192  -3.221 0.863  1.00 0.67 ? 38  TYR A CA  1 
ATOM   16 C C   . TYR A 1 2 ? 0.083  -2.514 1.597  1.00 0.70 ? 38  TYR A C   1 
ATOM   17 O O   . TYR A 1 2 ? -1.047 -2.945 1.576  1.00 0.88 ? 38  TYR A O   1 
ATOM   18 C CB  . TYR A 1 2 ? 1.031  -3.010 -0.613 1.00 0.62 ? 38  TYR A CB  1 
ATOM   19 C CG  . TYR A 1 2 ? 1.391  -1.658 -1.078 1.00 0.62 ? 38  TYR A CG  1 
ATOM   20 C CD1 . TYR A 1 2 ? 0.573  -0.597 -0.807 1.00 0.58 ? 38  TYR A CD1 1 
ATOM   21 C CD2 . TYR A 1 2 ? 2.598  -1.416 -1.705 1.00 0.64 ? 38  TYR A CD2 1 
ATOM   22 C CE1 . TYR A 1 2 ? 0.792  0.651  -1.342 1.00 0.60 ? 38  TYR A CE1 1 
ATOM   23 C CE2 . TYR A 1 2 ? 2.878  -0.145 -2.086 1.00 0.65 ? 38  TYR A CE2 1 
ATOM   24 C CZ  . TYR A 1 2 ? 2.032  0.883  -1.844 1.00 0.78 ? 38  TYR A CZ  1 
ATOM   25 O OH  . TYR A 1 2 ? 2.414  2.096  -2.357 1.00 0.91 ? 38  TYR A OH  1 
ATOM   26 H H   . TYR A 1 2 ? 0.214  -5.070 0.840  1.00 0.62 ? 38  TYR A H   1 
ATOM   27 H HA  . TYR A 1 2 ? 2.074  -2.884 1.163  1.00 0.69 ? 38  TYR A HA  1 
ATOM   28 H HB2 . TYR A 1 2 ? 1.591  -3.666 -1.081 1.00 0.62 ? 38  TYR A HB2 1 
ATOM   29 H HB3 . TYR A 1 2 ? 0.099  -3.190 -0.855 1.00 0.64 ? 38  TYR A HB3 1 
ATOM   30 H HD1 . TYR A 1 2 ? -0.275 -0.772 -0.439 1.00 0.61 ? 38  TYR A HD1 1 
ATOM   31 H HD2 . TYR A 1 2 ? 3.220  -2.112 -1.844 1.00 0.64 ? 38  TYR A HD2 1 
ATOM   32 H HE1 . TYR A 1 2 ? 0.223  1.369  -1.130 1.00 0.64 ? 38  TYR A HE1 1 
ATOM   33 H HE2 . TYR A 1 2 ? 3.694  0.030  -2.525 1.00 0.65 ? 38  TYR A HE2 1 
ATOM   34 H HH  . TYR A 1 2 ? 2.320  2.709  -1.762 1.00 0.82 ? 38  TYR A HH  1 
ATOM   35 N N   . SER A 1 3 ? 0.465  -1.421 2.200  1.00 0.81 ? 39  SER A N   1 
ATOM   36 C CA  . SER A 1 3 ? -0.555 -0.551 2.695  1.00 0.96 ? 39  SER A CA  1 
ATOM   37 C C   . SER A 1 3 ? -0.246 0.824  2.164  1.00 0.89 ? 39  SER A C   1 
ATOM   38 O O   . SER A 1 3 ? 0.868  1.291  2.335  1.00 0.75 ? 39  SER A O   1 
ATOM   39 C CB  . SER A 1 3 ? -0.587 -0.587 4.190  1.00 1.50 ? 39  SER A CB  1 
ATOM   40 O OG  . SER A 1 3 ? 0.642  -0.180 4.770  1.00 1.88 ? 39  SER A OG  1 
ATOM   41 H H   . SER A 1 3 ? 1.374  -1.393 2.640  1.00 0.82 ? 39  SER A H   1 
ATOM   42 H HA  . SER A 1 3 ? -1.439 -0.840 2.344  1.00 0.93 ? 39  SER A HA  1 
ATOM   43 H HB2 . SER A 1 3 ? -1.306 0.005  4.510  1.00 1.40 ? 39  SER A HB2 1 
ATOM   44 H HB3 . SER A 1 3 ? -0.798 -1.502 4.485  1.00 1.48 ? 39  SER A HB3 1 
ATOM   45 H HG  . SER A 1 3 ? 1.097  -0.869 4.955  1.00 1.78 ? 39  SER A HG  1 
ATOM   46 N N   . GLY A 1 4 ? -1.301 1.498  1.700  1.00 0.92 ? 40  GLY A N   1 
ATOM   47 C CA  . GLY A 1 4 ? -1.162 2.865  1.369  1.00 0.80 ? 40  GLY A CA  1 
ATOM   48 C C   . GLY A 1 4 ? -1.602 3.037  0.006  1.00 0.50 ? 40  GLY A C   1 
ATOM   49 O O   . GLY A 1 4 ? -2.687 2.612  -0.372 1.00 0.53 ? 40  GLY A O   1 
ATOM   50 H H   . GLY A 1 4 ? -2.230 1.133  1.852  1.00 0.89 ? 40  GLY A H   1 
ATOM   51 H HA2 . GLY A 1 4 ? -1.726 3.409  1.974  1.00 0.73 ? 40  GLY A HA2 1 
ATOM   52 H HA3 . GLY A 1 4 ? -0.221 3.150  1.467  1.00 0.69 ? 40  GLY A HA3 1 
ATOM   53 N N   . TYR A 1 5 ? -0.878 3.874  -0.689 1.00 0.50 ? 41  TYR A N   1 
ATOM   54 C CA  . TYR A 1 5 ? -1.255 4.431  -1.916 1.00 0.50 ? 41  TYR A CA  1 
ATOM   55 C C   . TYR A 1 5 ? -0.250 3.998  -2.929 1.00 0.53 ? 41  TYR A C   1 
ATOM   56 O O   . TYR A 1 5 ? 0.931  4.177  -2.734 1.00 0.50 ? 41  TYR A O   1 
ATOM   57 C CB  . TYR A 1 5 ? -1.270 5.910  -1.778 1.00 0.62 ? 41  TYR A CB  1 
ATOM   58 C CG  . TYR A 1 5 ? -1.531 6.619  -3.047 1.00 0.70 ? 41  TYR A CG  1 
ATOM   59 C CD1 . TYR A 1 5 ? -0.531 6.850  -3.923 1.00 1.12 ? 41  TYR A CD1 1 
ATOM   60 C CD2 . TYR A 1 5 ? -2.750 7.250  -3.233 1.00 0.71 ? 41  TYR A CD2 1 
ATOM   61 C CE1 . TYR A 1 5 ? -0.757 7.621  -4.991 1.00 1.41 ? 41  TYR A CE1 1 
ATOM   62 C CE2 . TYR A 1 5 ? -2.993 8.018  -4.256 1.00 0.74 ? 41  TYR A CE2 1 
ATOM   63 C CZ  . TYR A 1 5 ? -2.003 8.212  -5.217 1.00 1.61 ? 41  TYR A CZ  1 
ATOM   64 O OH  . TYR A 1 5 ? -2.229 9.043  -6.210 1.00 1.39 ? 41  TYR A OH  1 
ATOM   65 H H   . TYR A 1 5 ? 0.050  4.095  -0.350 1.00 0.50 ? 41  TYR A H   1 
ATOM   66 H HA  . TYR A 1 5 ? -2.156 4.112  -2.177 1.00 0.52 ? 41  TYR A HA  1 
ATOM   67 H HB2 . TYR A 1 5 ? -1.956 6.155  -1.122 1.00 0.61 ? 41  TYR A HB2 1 
ATOM   68 H HB3 . TYR A 1 5 ? -0.401 6.198  -1.426 1.00 0.61 ? 41  TYR A HB3 1 
ATOM   69 H HD1 . TYR A 1 5 ? 0.319  6.471  -3.787 1.00 1.27 ? 41  TYR A HD1 1 
ATOM   70 H HD2 . TYR A 1 5 ? -3.427 7.131  -2.587 1.00 0.71 ? 41  TYR A HD2 1 
ATOM   71 H HE1 . TYR A 1 5 ? -0.061 7.761  -5.613 1.00 1.11 ? 41  TYR A HE1 1 
ATOM   72 H HE2 . TYR A 1 5 ? -3.844 8.412  -4.365 1.00 0.71 ? 41  TYR A HE2 1 
ATOM   73 H HH  . TYR A 1 5 ? -2.113 8.642  -6.960 1.00 1.41 ? 41  TYR A HH  1 
ATOM   74 N N   . SER A 1 6 ? -0.692 3.448  -4.011 1.00 0.68 ? 42  SER A N   1 
ATOM   75 C CA  . SER A 1 6 ? 0.189  3.139  -5.123 1.00 0.53 ? 42  SER A CA  1 
ATOM   76 C C   . SER A 1 6 ? -0.528 3.606  -6.340 1.00 0.68 ? 42  SER A C   1 
ATOM   77 O O   . SER A 1 6 ? 0.183  3.521  -7.351 1.00 0.93 ? 42  SER A O   1 
ATOM   78 C CB  . SER A 1 6 ? 0.530  1.663  -5.186 1.00 0.60 ? 42  SER A CB  1 
ATOM   79 O OG  . SER A 1 6 ? -0.563 0.936  -5.651 1.00 0.50 ? 42  SER A OG  1 
ATOM   80 O OXT . SER A 1 6 ? -1.680 3.892  -6.333 1.00 0.88 ? 42  SER A OXT 1 
ATOM   81 H H   . SER A 1 6 ? -1.618 3.045  -4.012 1.00 0.59 ? 42  SER A H   1 
ATOM   82 H HA  . SER A 1 6 ? 1.030  3.663  -5.033 1.00 0.56 ? 42  SER A HA  1 
ATOM   83 H HB2 . SER A 1 6 ? 1.297  1.527  -5.786 1.00 0.56 ? 42  SER A HB2 1 
ATOM   84 H HB3 . SER A 1 6 ? 0.777  1.345  -4.293 1.00 0.57 ? 42  SER A HB3 1 
ATOM   85 H HG  . SER A 1 6 ? -1.146 0.907  -5.039 1.00 0.50 ? 42  SER A HG  1 
HETATM 86 O O   . HOH B 2 . ? 2.296  -2.317 4.771  1.00 1.86 ? 101 HOH A O   1 
HETATM 87 H H1  . HOH B 2 . ? 2.462  -2.717 5.717  1.00 1.77 ? 101 HOH A H1  1 
HETATM 88 H H2  . HOH B 2 . ? 3.103  -2.032 4.178  1.00 1.51 ? 101 HOH A H2  1 
# 
loop_
_atom_site_anisotrop.id 
_atom_site_anisotrop.type_symbol 
_atom_site_anisotrop.pdbx_label_atom_id 
_atom_site_anisotrop.pdbx_label_alt_id 
_atom_site_anisotrop.pdbx_label_comp_id 
_atom_site_anisotrop.pdbx_label_asym_id 
_atom_site_anisotrop.pdbx_label_seq_id 
_atom_site_anisotrop.pdbx_PDB_ins_code 
_atom_site_anisotrop.U[1][1] 
_atom_site_anisotrop.U[2][2] 
_atom_site_anisotrop.U[3][3] 
_atom_site_anisotrop.U[1][2] 
_atom_site_anisotrop.U[1][3] 
_atom_site_anisotrop.U[2][3] 
_atom_site_anisotrop.pdbx_auth_seq_id 
_atom_site_anisotrop.pdbx_auth_comp_id 
_atom_site_anisotrop.pdbx_auth_asym_id 
_atom_site_anisotrop.pdbx_auth_atom_id 
1  N N   . SER A 1 ? 0.0065 0.0071 0.0063 0.0004  0.0001  0.0000  37  SER A N   
2  C CA  . SER A 1 ? 0.0064 0.0074 0.0064 -0.0004 0.0001  -0.0003 37  SER A CA  
3  C C   . SER A 1 ? 0.0071 0.0100 0.0065 -0.0018 0.0003  -0.0007 37  SER A C   
4  O O   . SER A 1 ? 0.0068 0.0236 0.0064 -0.0031 -0.0001 0.0010  37  SER A O   
5  C CB  . SER A 1 ? 0.0063 0.0063 0.0063 0.0000  0.0000  0.0000  37  SER A CB  
6  O OG  . SER A 1 ? 0.0063 0.0063 0.0063 0.0000  0.0000  0.0000  37  SER A OG  
7  H H1  . SER A 1 ? 0.0064 0.0066 0.0064 0.0000  0.0000  -0.0001 37  SER A H1  
8  H H2  . SER A 1 ? 0.0063 0.0068 0.0063 0.0001  0.0000  0.0000  37  SER A H2  
9  H H3  . SER A 1 ? 0.0063 0.0070 0.0064 0.0000  0.0000  -0.0001 37  SER A H3  
10 H HA  . SER A 1 ? 0.0064 0.0075 0.0064 -0.0004 0.0001  -0.0003 37  SER A HA  
11 H HB2 . SER A 1 ? 0.0063 0.0063 0.0063 0.0000  0.0000  0.0000  37  SER A HB2 
12 H HB3 . SER A 1 ? 0.0063 0.0063 0.0063 0.0000  0.0000  0.0000  37  SER A HB3 
13 H HG  . SER A 1 ? 0.0063 0.0063 0.0063 0.0000  0.0000  0.0000  37  SER A HG  
14 N N   . TYR A 2 ? 0.0068 0.0109 0.0066 -0.0016 0.0004  -0.0011 38  TYR A N   
15 C CA  . TYR A 2 ? 0.0069 0.0114 0.0070 -0.0017 0.0007  -0.0018 38  TYR A CA  
16 C C   . TYR A 2 ? 0.0074 0.0111 0.0078 -0.0024 0.0014  -0.0027 38  TYR A C   
17 O O   . TYR A 2 ? 0.0074 0.0169 0.0090 -0.0034 0.0017  -0.0053 38  TYR A O   
18 C CB  . TYR A 2 ? 0.0064 0.0098 0.0074 0.0001  -0.0001 -0.0019 38  TYR A CB  
19 C CG  . TYR A 2 ? 0.0063 0.0103 0.0067 -0.0005 0.0002  -0.0013 38  TYR A CG  
20 C CD1 . TYR A 2 ? 0.0071 0.0082 0.0067 -0.0013 0.0005  -0.0007 38  TYR A CD1 
21 C CD2 . TYR A 2 ? 0.0067 0.0104 0.0072 -0.0013 0.0006  -0.0019 38  TYR A CD2 
22 C CE1 . TYR A 2 ? 0.0071 0.0091 0.0065 -0.0015 0.0005  -0.0008 38  TYR A CE1 
23 C CE2 . TYR A 2 ? 0.0066 0.0099 0.0079 -0.0011 0.0008  -0.0024 38  TYR A CE2 
24 C CZ  . TYR A 2 ? 0.0064 0.0154 0.0078 0.0005  -0.0002 -0.0036 38  TYR A CZ  
25 O OH  . TYR A 2 ? 0.0073 0.0200 0.0072 -0.0037 0.0009  -0.0036 38  TYR A OH  
26 H H   . TYR A 2 ? 0.0067 0.0099 0.0066 -0.0013 0.0004  -0.0009 38  TYR A H   
27 H HA  . TYR A 2 ? 0.0069 0.0121 0.0072 -0.0019 0.0007  -0.0021 38  TYR A HA  
28 H HB2 . TYR A 2 ? 0.0063 0.0099 0.0074 -0.0003 0.0001  -0.0019 38  TYR A HB2 
29 H HB3 . TYR A 2 ? 0.0064 0.0104 0.0074 -0.0007 0.0003  -0.0021 38  TYR A HB3 
30 H HD1 . TYR A 2 ? 0.0068 0.0095 0.0069 -0.0012 0.0005  -0.0013 38  TYR A HD1 
31 H HD2 . TYR A 2 ? 0.0066 0.0103 0.0072 -0.0011 0.0005  -0.0018 38  TYR A HD2 
32 H HE1 . TYR A 2 ? 0.0070 0.0105 0.0068 -0.0018 0.0006  -0.0014 38  TYR A HE1 
33 H HE2 . TYR A 2 ? 0.0066 0.0106 0.0074 -0.0011 0.0005  -0.0022 38  TYR A HE2 
34 H HH  . TYR A 2 ? 0.0070 0.0172 0.0070 -0.0026 0.0006  -0.0028 38  TYR A HH  
35 N N   . SER A 3 ? 0.0077 0.0146 0.0083 -0.0035 0.0017  -0.0041 39  SER A N   
36 C CA  . SER A 3 ? 0.0078 0.0202 0.0083 -0.0046 0.0017  -0.0052 39  SER A CA  
37 C C   . SER A 3 ? 0.0068 0.0189 0.0077 -0.0026 0.0009  -0.0043 39  SER A C   
38 O O   . SER A 3 ? 0.0073 0.0135 0.0076 -0.0028 0.0011  -0.0030 39  SER A O   
39 C CB  . SER A 3 ? 0.0079 0.0368 0.0120 -0.0069 0.0029  -0.0132 39  SER A CB  
40 O OG  . SER A 3 ? 0.0077 0.0503 0.0135 -0.0077 0.0031  -0.0178 39  SER A OG  
41 H H   . SER A 3 ? 0.0074 0.0159 0.0078 -0.0033 0.0013  -0.0037 39  SER A H   
42 H HA  . SER A 3 ? 0.0075 0.0192 0.0084 -0.0040 0.0017  -0.0051 39  SER A HA  
43 H HB2 . SER A 3 ? 0.0078 0.0342 0.0110 -0.0064 0.0026  -0.0115 39  SER A HB2 
44 H HB3 . SER A 3 ? 0.0077 0.0368 0.0115 -0.0064 0.0026  -0.0126 39  SER A HB3 
45 H HG  . SER A 3 ? 0.0088 0.0454 0.0134 -0.0098 0.0041  -0.0167 39  SER A HG  
46 N N   . GLY A 4 ? 0.0075 0.0202 0.0073 -0.0041 0.0011  -0.0038 40  GLY A N   
47 C CA  . GLY A 4 ? 0.0065 0.0165 0.0073 -0.0011 0.0003  -0.0031 40  GLY A CA  
48 C C   . GLY A 4 ? 0.0063 0.0063 0.0063 0.0000  0.0000  0.0000  40  GLY A C   
49 O O   . GLY A 4 ? 0.0064 0.0073 0.0063 -0.0003 0.0001  -0.0002 40  GLY A O   
50 H H   . GLY A 4 ? 0.0073 0.0190 0.0075 -0.0036 0.0011  -0.0039 40  GLY A H   
51 H HA2 . GLY A 4 ? 0.0065 0.0140 0.0072 -0.0013 0.0004  -0.0026 40  GLY A HA2 
52 H HA3 . GLY A 4 ? 0.0065 0.0123 0.0072 -0.0012 0.0004  -0.0023 40  GLY A HA3 
53 N N   . TYR A 5 ? 0.0063 0.0063 0.0063 0.0000  0.0000  0.0000  41  TYR A N   
54 C CA  . TYR A 5 ? 0.0063 0.0063 0.0063 0.0000  0.0000  0.0000  41  TYR A CA  
55 C C   . TYR A 5 ? 0.0064 0.0073 0.0064 -0.0002 0.0001  -0.0004 41  TYR A C   
56 O O   . TYR A 5 ? 0.0063 0.0063 0.0063 0.0000  0.0000  0.0000  41  TYR A O   
57 C CB  . TYR A 5 ? 0.0077 0.0083 0.0073 -0.0016 0.0011  -0.0014 41  TYR A CB  
58 C CG  . TYR A 5 ? 0.0078 0.0112 0.0076 -0.0027 0.0014  -0.0025 41  TYR A CG  
59 C CD1 . TYR A 5 ? 0.0094 0.0226 0.0103 -0.0072 0.0036  -0.0081 41  TYR A CD1 
60 C CD2 . TYR A 5 ? 0.0084 0.0103 0.0081 -0.0028 0.0019  -0.0027 41  TYR A CD2 
61 C CE1 . TYR A 5 ? 0.0099 0.0345 0.0090 -0.0083 0.0031  -0.0070 41  TYR A CE1 
62 C CE2 . TYR A 5 ? 0.0070 0.0136 0.0073 -0.0021 0.0007  -0.0027 41  TYR A CE2 
63 C CZ  . TYR A 5 ? 0.0086 0.0411 0.0113 -0.0089 0.0034  -0.0132 41  TYR A CZ  
64 O OH  . TYR A 5 ? 0.0134 0.0268 0.0126 -0.0121 0.0067  -0.0113 41  TYR A OH  
65 H H   . TYR A 5 ? 0.0063 0.0064 0.0063 0.0000  0.0000  0.0000  41  TYR A H   
66 H HA  . TYR A 5 ? 0.0063 0.0068 0.0065 -0.0001 0.0001  -0.0003 41  TYR A HA  
67 H HB2 . TYR A 5 ? 0.0076 0.0086 0.0071 -0.0016 0.0010  -0.0013 41  TYR A HB2 
68 H HB3 . TYR A 5 ? 0.0071 0.0085 0.0073 -0.0013 0.0010  -0.0014 41  TYR A HB3 
69 H HD1 . TYR A 5 ? 0.0084 0.0255 0.0141 -0.0064 0.0041  -0.0121 41  TYR A HD1 
70 H HD2 . TYR A 5 ? 0.0080 0.0114 0.0076 -0.0029 0.0015  -0.0026 41  TYR A HD2 
71 H HE1 . TYR A 5 ? 0.0086 0.0244 0.0090 -0.0065 0.0025  -0.0070 41  TYR A HE1 
72 H HE2 . TYR A 5 ? 0.0069 0.0129 0.0071 -0.0020 0.0007  -0.0023 41  TYR A HE2 
73 H HH  . TYR A 5 ? 0.0117 0.0300 0.0118 -0.0113 0.0055  -0.0114 41  TYR A HH  
74 N N   . SER A 6 ? 0.0067 0.0125 0.0065 -0.0017 0.0003  -0.0012 42  SER A N   
75 C CA  . SER A 6 ? 0.0064 0.0071 0.0065 -0.0002 0.0001  -0.0003 42  SER A CA  
76 C C   . SER A 6 ? 0.0074 0.0116 0.0067 -0.0024 0.0006  -0.0013 42  SER A C   
77 O O   . SER A 6 ? 0.0097 0.0186 0.0070 -0.0065 0.0015  -0.0029 42  SER A O   
78 C CB  . SER A 6 ? 0.0085 0.0076 0.0067 -0.0017 0.0010  -0.0008 42  SER A CB  
79 O OG  . SER A 6 ? 0.0063 0.0063 0.0063 0.0000  0.0000  0.0000  42  SER A OG  
80 O OXT . SER A 6 ? 0.0085 0.0161 0.0086 -0.0047 0.0023  -0.0048 42  SER A OXT 
81 H H   . SER A 6 ? 0.0066 0.0089 0.0066 -0.0008 0.0003  -0.0008 42  SER A H   
82 H HA  . SER A 6 ? 0.0065 0.0081 0.0065 -0.0006 0.0002  -0.0006 42  SER A HA  
83 H HB2 . SER A 6 ? 0.0073 0.0072 0.0065 -0.0010 0.0005  -0.0005 42  SER A HB2 
84 H HB3 . SER A 6 ? 0.0071 0.0078 0.0066 -0.0011 0.0005  -0.0007 42  SER A HB3 
85 H HG  . SER A 6 ? 0.0063 0.0063 0.0063 0.0000  0.0000  0.0000  42  SER A HG  
86 O O   . HOH B . ? 0.0126 0.0497 0.0082 -0.0096 0.0032  -0.0078 101 HOH A O   
87 H H1  . HOH B . ? 0.0121 0.0468 0.0083 -0.0093 0.0031  -0.0078 101 HOH A H1  
88 H H2  . HOH B . ? 0.0106 0.0390 0.0078 -0.0081 0.0022  -0.0065 101 HOH A H2  
# 
